data_3RH2
#
_entry.id   3RH2
#
_cell.length_a   123.536
_cell.length_b   123.536
_cell.length_c   49.552
_cell.angle_alpha   90.000
_cell.angle_beta   90.000
_cell.angle_gamma   90.000
#
_symmetry.space_group_name_H-M   'P 43 21 2'
#
loop_
_entity.id
_entity.type
_entity.pdbx_description
1 polymer 'Hypothetical TetR-like transcriptional regulator'
2 non-polymer 'UNKNOWN LIGAND'
3 non-polymer 'PHOSPHATE ION'
4 non-polymer GLYCEROL
5 water water
#
_entity_poly.entity_id   1
_entity_poly.type   'polypeptide(L)'
_entity_poly.pdbx_seq_one_letter_code
;G(MSE)KTRDKIIQASLELFNEHGERTITTNHIAAHLDISPGNLYYHFRNKEDIIRCIFDQYEQHLLLGFKPYADQKVDL
ELL(MSE)SYFDA(MSE)FYT(MSE)WQFRF(MSE)YANLADILARDDTLKARYLKVQQAVLEQSIAVLNQLKKDGILQI
EDERIADLADTIK(MSE)IIGFWISYKLTQSSIATISKASLYEGLLRVL(MSE)IFKAYSTPDSLANFDRLEQHFRSQSN
;
_entity_poly.pdbx_strand_id   A
#
loop_
_chem_comp.id
_chem_comp.type
_chem_comp.name
_chem_comp.formula
GOL non-polymer GLYCEROL 'C3 H8 O3'
PO4 non-polymer 'PHOSPHATE ION' 'O4 P -3'
UNL non-polymer 'UNKNOWN LIGAND' ?
#
# COMPACT_ATOMS: atom_id res chain seq x y z
N MSE A 2 20.67 -9.10 -11.95
CA MSE A 2 19.59 -9.46 -10.94
C MSE A 2 19.77 -10.92 -10.47
O MSE A 2 19.78 -11.86 -11.29
CB MSE A 2 18.12 -9.17 -11.45
CG MSE A 2 16.96 -9.70 -10.52
SE MSE A 2 15.04 -9.04 -10.61
CE MSE A 2 14.68 -8.93 -12.58
N LYS A 3 19.96 -11.08 -9.16
CA LYS A 3 20.17 -12.39 -8.52
C LYS A 3 18.93 -13.27 -8.68
N THR A 4 19.12 -14.57 -8.93
CA THR A 4 17.98 -15.50 -9.11
C THR A 4 16.92 -15.46 -7.97
N ARG A 5 17.38 -15.23 -6.76
CA ARG A 5 16.50 -15.12 -5.63
C ARG A 5 15.56 -13.94 -5.82
N ASP A 6 16.09 -12.82 -6.32
CA ASP A 6 15.28 -11.63 -6.59
C ASP A 6 14.41 -11.87 -7.82
N LYS A 7 14.88 -12.60 -8.82
CA LYS A 7 13.98 -12.96 -9.93
C LYS A 7 12.77 -13.80 -9.44
N ILE A 8 12.98 -14.67 -8.45
CA ILE A 8 11.91 -15.54 -7.96
C ILE A 8 10.90 -14.73 -7.21
N ILE A 9 11.38 -13.77 -6.42
CA ILE A 9 10.47 -12.88 -5.70
C ILE A 9 9.63 -12.03 -6.65
N GLN A 10 10.24 -11.39 -7.65
CA GLN A 10 9.45 -10.59 -8.61
C GLN A 10 8.50 -11.41 -9.49
N ALA A 11 8.93 -12.56 -10.01
CA ALA A 11 7.94 -13.42 -10.73
C ALA A 11 6.76 -13.82 -9.86
N SER A 12 7.02 -14.08 -8.59
CA SER A 12 5.97 -14.51 -7.72
C SER A 12 4.97 -13.36 -7.54
N LEU A 13 5.48 -12.19 -7.28
CA LEU A 13 4.62 -11.05 -7.05
C LEU A 13 3.74 -10.83 -8.30
N GLU A 14 4.34 -10.85 -9.48
CA GLU A 14 3.53 -10.63 -10.73
C GLU A 14 2.46 -11.70 -10.87
N LEU A 15 2.81 -12.99 -10.72
CA LEU A 15 1.81 -14.06 -10.86
C LEU A 15 0.67 -13.93 -9.84
N PHE A 16 1.02 -13.62 -8.59
CA PHE A 16 0.05 -13.48 -7.53
C PHE A 16 -0.84 -12.28 -7.85
N ASN A 17 -0.26 -11.17 -8.30
CA ASN A 17 -1.08 -10.03 -8.63
C ASN A 17 -2.03 -10.26 -9.79
N GLU A 18 -1.60 -10.99 -10.83
CA GLU A 18 -2.46 -11.25 -12.00
C GLU A 18 -3.56 -12.26 -11.70
N HIS A 19 -3.27 -13.31 -10.93
CA HIS A 19 -4.19 -14.47 -10.80
C HIS A 19 -4.75 -14.80 -9.44
N GLY A 20 -4.23 -14.15 -8.39
CA GLY A 20 -4.56 -14.45 -7.03
C GLY A 20 -3.52 -15.41 -6.46
N GLU A 21 -3.03 -15.11 -5.27
CA GLU A 21 -2.06 -15.94 -4.61
C GLU A 21 -2.42 -17.42 -4.41
N ARG A 22 -3.67 -17.69 -4.01
CA ARG A 22 -4.19 -19.06 -3.79
CA ARG A 22 -4.03 -19.10 -3.76
C ARG A 22 -4.00 -20.06 -4.93
N THR A 23 -4.04 -19.61 -6.18
CA THR A 23 -3.94 -20.56 -7.31
C THR A 23 -2.51 -20.80 -7.88
N ILE A 24 -1.48 -20.16 -7.32
CA ILE A 24 -0.15 -20.27 -7.85
C ILE A 24 0.73 -21.20 -7.01
N THR A 25 1.28 -22.24 -7.63
CA THR A 25 2.12 -23.19 -6.92
C THR A 25 3.60 -22.88 -7.16
N THR A 26 4.49 -23.45 -6.35
CA THR A 26 5.91 -23.20 -6.61
C THR A 26 6.31 -23.84 -7.94
N ASN A 27 5.66 -24.92 -8.37
CA ASN A 27 6.00 -25.47 -9.69
C ASN A 27 5.63 -24.49 -10.84
N HIS A 28 4.51 -23.78 -10.73
CA HIS A 28 4.10 -22.77 -11.74
C HIS A 28 5.13 -21.58 -11.76
N ILE A 29 5.59 -21.17 -10.58
CA ILE A 29 6.59 -20.10 -10.49
C ILE A 29 7.89 -20.52 -11.16
N ALA A 30 8.31 -21.75 -10.97
CA ALA A 30 9.54 -22.22 -11.55
C ALA A 30 9.40 -22.33 -13.05
N ALA A 31 8.27 -22.83 -13.53
CA ALA A 31 8.05 -22.93 -15.00
C ALA A 31 8.08 -21.52 -15.64
N HIS A 32 7.48 -20.54 -14.97
CA HIS A 32 7.47 -19.15 -15.44
C HIS A 32 8.87 -18.60 -15.63
N LEU A 33 9.83 -19.03 -14.81
CA LEU A 33 11.20 -18.54 -14.88
C LEU A 33 12.12 -19.44 -15.69
N ASP A 34 11.57 -20.57 -16.13
CA ASP A 34 12.29 -21.57 -16.93
C ASP A 34 13.43 -22.18 -16.10
N ILE A 35 13.07 -22.62 -14.89
CA ILE A 35 14.00 -23.31 -13.98
C ILE A 35 13.31 -24.56 -13.37
N SER A 36 14.14 -25.46 -12.88
CA SER A 36 13.67 -26.71 -12.26
C SER A 36 13.09 -26.38 -10.90
N PRO A 37 12.12 -27.18 -10.45
CA PRO A 37 11.60 -26.93 -9.13
C PRO A 37 12.69 -27.10 -8.02
N GLY A 38 13.70 -27.93 -8.29
CA GLY A 38 14.83 -28.10 -7.39
C GLY A 38 15.67 -26.84 -7.31
N ASN A 39 15.92 -26.20 -8.46
CA ASN A 39 16.62 -24.91 -8.49
C ASN A 39 15.84 -23.89 -7.62
N LEU A 40 14.51 -23.90 -7.68
CA LEU A 40 13.74 -22.97 -6.86
C LEU A 40 13.88 -23.29 -5.37
N TYR A 41 13.91 -24.60 -5.03
CA TYR A 41 13.98 -25.07 -3.65
C TYR A 41 15.31 -24.67 -3.04
N TYR A 42 16.36 -24.62 -3.85
CA TYR A 42 17.68 -24.16 -3.40
C TYR A 42 17.54 -22.84 -2.63
N HIS A 43 16.77 -21.90 -3.20
CA HIS A 43 16.55 -20.55 -2.67
C HIS A 43 15.37 -20.43 -1.76
N PHE A 44 14.26 -21.11 -2.06
CA PHE A 44 13.01 -21.03 -1.24
C PHE A 44 12.39 -22.41 -1.07
N ARG A 45 12.29 -22.87 0.18
CA ARG A 45 11.78 -24.22 0.46
C ARG A 45 10.26 -24.45 0.36
N ASN A 46 9.49 -23.37 0.28
CA ASN A 46 8.06 -23.43 0.16
C ASN A 46 7.52 -22.04 -0.21
N LYS A 47 6.23 -21.96 -0.51
CA LYS A 47 5.65 -20.75 -0.99
C LYS A 47 5.61 -19.68 0.11
N GLU A 48 5.35 -20.09 1.35
CA GLU A 48 5.29 -19.10 2.43
C GLU A 48 6.54 -18.29 2.58
N ASP A 49 7.68 -18.93 2.38
CA ASP A 49 8.92 -18.22 2.54
C ASP A 49 8.99 -17.11 1.49
N ILE A 50 8.43 -17.32 0.29
CA ILE A 50 8.44 -16.27 -0.74
C ILE A 50 7.50 -15.15 -0.31
N ILE A 51 6.33 -15.51 0.23
CA ILE A 51 5.38 -14.52 0.64
C ILE A 51 5.95 -13.70 1.77
N ARG A 52 6.74 -14.32 2.66
CA ARG A 52 7.40 -13.58 3.75
C ARG A 52 8.37 -12.53 3.21
N CYS A 53 9.20 -12.87 2.25
CA CYS A 53 10.07 -11.87 1.64
C CYS A 53 9.31 -10.73 0.95
N ILE A 54 8.10 -11.00 0.41
CA ILE A 54 7.28 -9.96 -0.27
C ILE A 54 6.73 -9.02 0.78
N PHE A 55 6.13 -9.56 1.85
CA PHE A 55 5.75 -8.72 3.01
C PHE A 55 6.91 -7.81 3.47
N ASP A 56 8.13 -8.32 3.61
CA ASP A 56 9.23 -7.44 3.97
C ASP A 56 9.38 -6.27 2.97
N GLN A 57 9.15 -6.52 1.68
CA GLN A 57 9.35 -5.46 0.70
C GLN A 57 8.24 -4.42 0.87
N TYR A 58 7.03 -4.93 1.16
CA TYR A 58 5.84 -4.13 1.40
C TYR A 58 6.01 -3.23 2.61
N GLU A 59 6.53 -3.82 3.67
CA GLU A 59 6.78 -3.15 4.93
C GLU A 59 7.84 -2.08 4.82
N GLN A 60 8.95 -2.31 4.17
CA GLN A 60 9.93 -1.24 4.14
CA GLN A 60 10.00 -1.29 3.98
C GLN A 60 9.45 -0.04 3.27
N HIS A 61 8.70 -0.27 2.16
CA HIS A 61 8.17 0.84 1.34
CA HIS A 61 8.25 0.86 1.37
C HIS A 61 7.16 1.66 2.12
N LEU A 62 6.41 0.98 2.95
CA LEU A 62 5.35 1.62 3.73
C LEU A 62 5.98 2.57 4.75
N LEU A 63 6.98 2.10 5.49
CA LEU A 63 7.63 2.95 6.48
C LEU A 63 8.31 4.15 5.87
N LEU A 64 8.85 3.98 4.66
CA LEU A 64 9.54 5.10 3.99
C LEU A 64 8.59 6.10 3.33
N GLY A 65 7.51 5.60 2.74
CA GLY A 65 6.51 6.46 2.11
C GLY A 65 5.72 7.32 3.08
N PHE A 66 5.51 6.87 4.30
CA PHE A 66 4.75 7.65 5.28
C PHE A 66 5.60 8.17 6.44
N LYS A 67 6.87 8.46 6.15
CA LYS A 67 7.79 8.94 7.10
C LYS A 67 7.59 10.45 7.27
N PRO A 68 7.72 10.97 8.49
CA PRO A 68 7.63 12.40 8.72
C PRO A 68 8.69 13.19 7.97
N TYR A 69 8.39 14.43 7.60
CA TYR A 69 9.32 15.22 6.83
C TYR A 69 10.30 16.09 7.65
N ALA A 70 11.58 16.00 7.35
CA ALA A 70 12.60 16.77 8.04
C ALA A 70 12.73 18.13 7.36
N ASP A 71 13.82 18.37 6.65
CA ASP A 71 14.02 19.66 5.99
C ASP A 71 13.33 19.93 4.66
N GLN A 72 12.46 19.06 4.17
CA GLN A 72 11.79 19.36 2.91
C GLN A 72 10.96 20.63 3.08
N LYS A 73 10.77 21.32 1.95
CA LYS A 73 9.95 22.55 1.88
C LYS A 73 8.52 22.02 1.81
N VAL A 74 7.57 22.71 2.42
CA VAL A 74 6.19 22.22 2.44
C VAL A 74 5.43 22.72 1.21
N ASP A 75 5.50 21.96 0.13
CA ASP A 75 4.90 22.32 -1.14
C ASP A 75 4.12 21.16 -1.77
N LEU A 76 3.55 21.44 -2.93
CA LEU A 76 2.78 20.47 -3.67
C LEU A 76 3.52 19.15 -3.86
N GLU A 77 4.78 19.18 -4.24
CA GLU A 77 5.52 17.94 -4.53
C GLU A 77 5.63 17.02 -3.33
N LEU A 78 5.63 17.62 -2.14
CA LEU A 78 5.74 16.88 -0.88
C LEU A 78 4.43 16.18 -0.61
N LEU A 79 3.32 16.87 -0.87
CA LEU A 79 1.98 16.31 -0.64
C LEU A 79 1.74 15.20 -1.62
N MSE A 80 2.12 15.39 -2.88
CA MSE A 80 1.84 14.36 -3.86
C MSE A 80 2.59 13.09 -3.52
O MSE A 80 2.10 12.01 -3.84
CB MSE A 80 2.18 14.78 -5.30
CG MSE A 80 1.21 14.18 -6.42
SE MSE A 80 1.54 15.26 -7.99
CE MSE A 80 3.07 14.27 -8.77
N SER A 81 3.76 13.20 -2.87
CA SER A 81 4.57 12.02 -2.58
C SER A 81 3.85 11.08 -1.62
N TYR A 82 3.11 11.64 -0.68
CA TYR A 82 2.34 10.82 0.29
C TYR A 82 1.17 10.18 -0.44
N PHE A 83 0.54 10.92 -1.36
CA PHE A 83 -0.53 10.32 -2.16
C PHE A 83 -0.01 9.26 -3.14
N ASP A 84 1.15 9.50 -3.71
CA ASP A 84 1.77 8.49 -4.56
C ASP A 84 2.11 7.21 -3.77
N ALA A 85 2.41 7.32 -2.48
CA ALA A 85 2.76 6.11 -1.73
C ALA A 85 1.53 5.30 -1.43
N MSE A 86 0.37 5.95 -1.32
CA MSE A 86 -0.91 5.25 -1.12
C MSE A 86 -1.15 4.47 -2.39
O MSE A 86 -1.40 3.25 -2.35
CB MSE A 86 -2.04 6.21 -0.93
CG MSE A 86 -1.96 7.01 0.39
SE MSE A 86 -3.37 8.35 0.50
CE MSE A 86 -2.59 9.37 1.93
N PHE A 87 -1.04 5.12 -3.53
CA PHE A 87 -1.33 4.36 -4.78
C PHE A 87 -0.41 3.17 -4.95
N TYR A 88 0.89 3.39 -4.75
CA TYR A 88 1.93 2.36 -4.96
C TYR A 88 1.71 1.14 -4.13
N THR A 89 1.43 1.33 -2.85
CA THR A 89 1.26 0.20 -1.99
C THR A 89 0.04 -0.62 -2.43
N MSE A 90 -1.06 0.01 -2.81
CA MSE A 90 -2.29 -0.77 -3.16
C MSE A 90 -2.08 -1.54 -4.47
O MSE A 90 -2.51 -2.67 -4.63
CB MSE A 90 -3.53 0.15 -3.32
CG MSE A 90 -4.05 0.88 -2.05
SE MSE A 90 -5.75 1.86 -2.40
CE MSE A 90 -4.96 3.55 -3.19
N TRP A 91 -1.44 -0.90 -5.42
CA TRP A 91 -1.27 -1.50 -6.72
C TRP A 91 -0.16 -2.52 -6.77
N GLN A 92 1.02 -2.22 -6.20
CA GLN A 92 2.13 -3.16 -6.29
CA GLN A 92 2.13 -3.17 -6.26
C GLN A 92 1.91 -4.40 -5.39
N PHE A 93 1.08 -4.30 -4.36
CA PHE A 93 0.84 -5.49 -3.51
C PHE A 93 -0.61 -5.88 -3.46
N ARG A 94 -1.32 -5.65 -4.56
CA ARG A 94 -2.76 -5.94 -4.63
C ARG A 94 -3.19 -7.36 -4.31
N PHE A 95 -2.34 -8.38 -4.55
CA PHE A 95 -2.74 -9.75 -4.16
C PHE A 95 -2.95 -9.86 -2.65
N MSE A 96 -2.16 -9.07 -1.92
CA MSE A 96 -2.17 -9.03 -0.45
C MSE A 96 -3.48 -8.46 0.05
O MSE A 96 -4.23 -9.13 0.77
CB MSE A 96 -1.05 -8.16 0.04
CG MSE A 96 -0.75 -8.45 1.46
SE MSE A 96 0.58 -7.26 2.18
CE MSE A 96 -0.62 -5.75 1.93
N TYR A 97 -3.79 -7.23 -0.34
CA TYR A 97 -5.05 -6.61 0.01
C TYR A 97 -6.28 -7.45 -0.36
N ALA A 98 -6.20 -8.22 -1.44
CA ALA A 98 -7.30 -9.06 -1.87
C ALA A 98 -7.53 -10.21 -0.91
N ASN A 99 -6.48 -10.72 -0.29
CA ASN A 99 -6.62 -11.94 0.53
C ASN A 99 -5.88 -11.88 1.88
N LEU A 100 -5.86 -10.71 2.51
CA LEU A 100 -5.06 -10.45 3.71
C LEU A 100 -5.37 -11.40 4.86
N ALA A 101 -6.65 -11.46 5.24
CA ALA A 101 -7.10 -12.28 6.39
C ALA A 101 -6.62 -13.69 6.31
N ASP A 102 -6.80 -14.33 5.15
CA ASP A 102 -6.42 -15.72 5.02
CA ASP A 102 -6.37 -15.74 4.95
C ASP A 102 -4.87 -15.87 5.06
N ILE A 103 -4.14 -14.94 4.46
CA ILE A 103 -2.67 -15.03 4.51
C ILE A 103 -2.22 -14.87 5.98
N LEU A 104 -2.77 -13.93 6.71
CA LEU A 104 -2.31 -13.74 8.06
C LEU A 104 -2.67 -14.93 8.95
N ALA A 105 -3.90 -15.46 8.79
CA ALA A 105 -4.41 -16.57 9.64
C ALA A 105 -3.58 -17.83 9.51
N ARG A 106 -2.87 -18.02 8.43
CA ARG A 106 -2.11 -19.26 8.29
C ARG A 106 -0.60 -19.13 8.56
N ASP A 107 -0.12 -17.94 8.97
CA ASP A 107 1.31 -17.73 9.25
C ASP A 107 1.51 -16.73 10.39
N ASP A 108 1.71 -17.27 11.58
CA ASP A 108 1.86 -16.49 12.83
C ASP A 108 3.09 -15.58 12.88
N THR A 109 4.20 -16.02 12.28
CA THR A 109 5.41 -15.22 12.23
C THR A 109 5.17 -13.97 11.37
N LEU A 110 4.58 -14.19 10.20
CA LEU A 110 4.27 -13.12 9.27
C LEU A 110 3.28 -12.14 9.89
N LYS A 111 2.29 -12.65 10.63
CA LYS A 111 1.29 -11.80 11.25
C LYS A 111 1.89 -10.91 12.29
N ALA A 112 2.79 -11.45 13.14
CA ALA A 112 3.41 -10.66 14.21
C ALA A 112 4.22 -9.51 13.64
N ARG A 113 4.96 -9.76 12.56
CA ARG A 113 5.75 -8.70 11.97
C ARG A 113 4.80 -7.65 11.33
N TYR A 114 3.72 -8.12 10.71
CA TYR A 114 2.72 -7.25 10.06
C TYR A 114 2.10 -6.26 11.06
N LEU A 115 1.73 -6.75 12.25
CA LEU A 115 1.19 -5.88 13.27
C LEU A 115 2.20 -4.89 13.81
N LYS A 116 3.49 -5.25 13.93
CA LYS A 116 4.49 -4.28 14.44
C LYS A 116 4.62 -3.10 13.47
N VAL A 117 4.65 -3.40 12.19
CA VAL A 117 4.76 -2.40 11.16
C VAL A 117 3.50 -1.53 11.09
N GLN A 118 2.32 -2.14 11.19
CA GLN A 118 1.08 -1.35 11.16
C GLN A 118 1.03 -0.31 12.32
N GLN A 119 1.54 -0.69 13.48
CA GLN A 119 1.57 0.23 14.62
C GLN A 119 2.59 1.34 14.36
N ALA A 120 3.72 1.01 13.73
CA ALA A 120 4.78 2.01 13.51
C ALA A 120 4.34 2.93 12.39
N VAL A 121 3.65 2.40 11.37
CA VAL A 121 3.13 3.25 10.30
C VAL A 121 2.06 4.21 10.90
N LEU A 122 1.22 3.70 11.78
CA LEU A 122 0.20 4.57 12.38
C LEU A 122 0.88 5.73 13.14
N GLU A 123 1.93 5.44 13.91
CA GLU A 123 2.61 6.49 14.69
C GLU A 123 3.29 7.52 13.79
N GLN A 124 3.89 7.10 12.70
CA GLN A 124 4.48 8.05 11.76
C GLN A 124 3.39 8.95 11.16
N SER A 125 2.29 8.34 10.70
CA SER A 125 1.17 9.06 10.12
C SER A 125 0.61 10.13 11.02
N ILE A 126 0.43 9.81 12.29
CA ILE A 126 0.00 10.81 13.26
C ILE A 126 1.03 11.96 13.33
N ALA A 127 2.33 11.67 13.22
CA ALA A 127 3.34 12.71 13.28
C ALA A 127 3.23 13.60 12.03
N VAL A 128 3.07 12.98 10.88
CA VAL A 128 2.91 13.74 9.64
C VAL A 128 1.76 14.72 9.73
N LEU A 129 0.62 14.24 10.19
CA LEU A 129 -0.57 15.06 10.28
C LEU A 129 -0.38 16.22 11.25
N ASN A 130 0.28 15.95 12.39
CA ASN A 130 0.60 17.03 13.33
C ASN A 130 1.51 18.10 12.73
N GLN A 131 2.46 17.70 11.88
CA GLN A 131 3.37 18.63 11.23
C GLN A 131 2.58 19.48 10.27
N LEU A 132 1.73 18.86 9.45
CA LEU A 132 0.94 19.66 8.48
C LEU A 132 0.09 20.68 9.24
N LYS A 133 -0.36 20.33 10.44
CA LYS A 133 -1.11 21.28 11.24
C LYS A 133 -0.21 22.44 11.64
N LYS A 134 0.97 22.15 12.17
CA LYS A 134 1.93 23.21 12.58
C LYS A 134 2.29 24.19 11.44
N ASP A 135 2.38 23.64 10.23
CA ASP A 135 2.76 24.35 9.00
C ASP A 135 1.60 25.00 8.28
N GLY A 136 0.40 24.97 8.88
CA GLY A 136 -0.76 25.68 8.33
C GLY A 136 -1.54 25.07 7.16
N ILE A 137 -1.29 23.79 6.89
CA ILE A 137 -1.98 23.05 5.83
C ILE A 137 -3.32 22.46 6.32
N LEU A 138 -3.41 21.98 7.56
CA LEU A 138 -4.66 21.39 8.05
C LEU A 138 -5.17 22.03 9.35
N GLN A 139 -6.49 22.05 9.57
CA GLN A 139 -7.11 22.52 10.84
C GLN A 139 -7.83 21.31 11.46
N ILE A 140 -7.27 20.66 12.48
CA ILE A 140 -7.94 19.53 13.15
C ILE A 140 -7.72 19.67 14.64
N GLU A 141 -8.71 19.28 15.42
CA GLU A 141 -8.54 19.30 16.85
C GLU A 141 -7.48 18.27 17.19
N ASP A 142 -6.53 18.64 18.06
CA ASP A 142 -5.42 17.75 18.40
C ASP A 142 -5.95 16.40 18.82
N GLU A 143 -7.02 16.39 19.60
CA GLU A 143 -7.60 15.14 20.11
C GLU A 143 -8.16 14.23 19.02
N ARG A 144 -8.33 14.71 17.78
CA ARG A 144 -8.84 13.90 16.66
C ARG A 144 -7.85 13.48 15.56
N ILE A 145 -6.62 13.94 15.65
CA ILE A 145 -5.63 13.63 14.65
C ILE A 145 -5.41 12.13 14.59
N ALA A 146 -5.31 11.47 15.74
CA ALA A 146 -5.12 10.01 15.75
C ALA A 146 -6.25 9.29 15.04
N ASP A 147 -7.50 9.67 15.32
CA ASP A 147 -8.67 9.07 14.67
C ASP A 147 -8.68 9.28 13.15
N LEU A 148 -8.39 10.50 12.69
CA LEU A 148 -8.34 10.72 11.24
C LEU A 148 -7.30 9.78 10.57
N ALA A 149 -6.12 9.69 11.18
CA ALA A 149 -5.03 8.89 10.62
C ALA A 149 -5.44 7.44 10.52
N ASP A 150 -6.02 6.92 11.58
CA ASP A 150 -6.48 5.56 11.56
C ASP A 150 -7.65 5.35 10.52
N THR A 151 -8.49 6.34 10.31
CA THR A 151 -9.61 6.17 9.34
C THR A 151 -9.13 6.16 7.90
N ILE A 152 -8.20 7.03 7.56
CA ILE A 152 -7.56 7.01 6.26
C ILE A 152 -6.79 5.69 6.06
N LYS A 153 -6.15 5.22 7.09
CA LYS A 153 -5.40 3.95 6.94
C LYS A 153 -6.38 2.83 6.66
N MSE A 154 -7.57 2.89 7.27
CA MSE A 154 -8.59 1.86 7.00
C MSE A 154 -9.11 1.92 5.58
O MSE A 154 -9.39 0.90 5.00
CB MSE A 154 -9.73 1.98 7.98
CG MSE A 154 -10.83 1.01 7.80
SE MSE A 154 -12.26 1.70 6.67
CE MSE A 154 -13.40 0.08 6.56
N ILE A 155 -9.21 3.12 5.00
CA ILE A 155 -9.72 3.31 3.62
C ILE A 155 -8.79 2.71 2.63
N ILE A 156 -7.52 3.11 2.68
CA ILE A 156 -6.46 2.59 1.79
C ILE A 156 -6.29 1.05 1.93
N GLY A 157 -6.23 0.56 3.16
CA GLY A 157 -6.08 -0.88 3.31
C GLY A 157 -7.25 -1.71 2.82
N PHE A 158 -8.51 -1.24 2.94
CA PHE A 158 -9.66 -2.03 2.49
C PHE A 158 -10.40 -1.62 1.24
N TRP A 159 -9.86 -0.68 0.49
CA TRP A 159 -10.52 -0.23 -0.72
C TRP A 159 -10.66 -1.32 -1.73
N ILE A 160 -9.60 -2.09 -1.93
CA ILE A 160 -9.61 -3.21 -2.87
C ILE A 160 -10.67 -4.26 -2.51
N SER A 161 -10.70 -4.71 -1.25
CA SER A 161 -11.76 -5.65 -0.89
C SER A 161 -13.16 -5.05 -1.15
N TYR A 162 -13.35 -3.76 -0.89
CA TYR A 162 -14.67 -3.16 -1.10
C TYR A 162 -14.97 -3.28 -2.58
N LYS A 163 -14.05 -2.88 -3.44
CA LYS A 163 -14.33 -2.97 -4.88
C LYS A 163 -14.59 -4.39 -5.38
N LEU A 164 -13.85 -5.35 -4.89
CA LEU A 164 -14.07 -6.73 -5.32
C LEU A 164 -15.44 -7.30 -4.91
N THR A 165 -16.02 -6.77 -3.86
CA THR A 165 -17.30 -7.29 -3.39
C THR A 165 -18.51 -6.48 -3.86
N GLN A 166 -18.24 -5.39 -4.58
CA GLN A 166 -19.30 -4.54 -5.13
C GLN A 166 -19.63 -4.81 -6.59
N SER A 167 -18.89 -5.70 -7.26
CA SER A 167 -19.21 -6.04 -8.67
C SER A 167 -19.05 -7.53 -8.99
N SER A 168 -19.44 -7.93 -10.20
CA SER A 168 -19.20 -9.30 -10.65
C SER A 168 -17.82 -9.39 -11.33
N ILE A 169 -17.11 -8.28 -11.51
CA ILE A 169 -15.75 -8.33 -12.08
C ILE A 169 -14.69 -8.65 -10.99
N ALA A 170 -13.96 -9.75 -11.17
CA ALA A 170 -12.92 -10.24 -10.23
C ALA A 170 -11.51 -9.61 -10.32
N THR A 171 -11.32 -8.56 -11.12
CA THR A 171 -10.00 -7.88 -11.24
C THR A 171 -10.03 -6.37 -10.92
N ILE A 172 -8.87 -5.89 -10.47
CA ILE A 172 -8.62 -4.54 -10.03
C ILE A 172 -7.88 -3.78 -11.14
N SER A 173 -8.42 -2.60 -11.49
CA SER A 173 -7.82 -1.71 -12.51
C SER A 173 -7.14 -0.54 -11.84
N LYS A 174 -6.19 0.14 -12.50
CA LYS A 174 -5.57 1.31 -11.88
C LYS A 174 -6.63 2.36 -11.60
N ALA A 175 -7.64 2.43 -12.47
CA ALA A 175 -8.75 3.40 -12.31
C ALA A 175 -9.52 3.23 -10.99
N SER A 176 -9.77 1.99 -10.60
CA SER A 176 -10.43 1.68 -9.30
C SER A 176 -9.63 2.23 -8.17
N LEU A 177 -8.33 2.06 -8.24
CA LEU A 177 -7.44 2.60 -7.22
C LEU A 177 -7.41 4.14 -7.14
N TYR A 178 -7.41 4.84 -8.29
CA TYR A 178 -7.39 6.29 -8.24
C TYR A 178 -8.71 6.82 -7.66
N GLU A 179 -9.84 6.14 -7.94
CA GLU A 179 -11.16 6.51 -7.39
C GLU A 179 -10.97 6.55 -5.86
N GLY A 180 -10.31 5.53 -5.30
CA GLY A 180 -10.03 5.46 -3.86
C GLY A 180 -9.20 6.61 -3.32
N LEU A 181 -8.07 6.92 -3.96
CA LEU A 181 -7.31 8.10 -3.59
C LEU A 181 -8.15 9.34 -3.59
N LEU A 182 -9.01 9.51 -4.60
CA LEU A 182 -9.84 10.71 -4.67
C LEU A 182 -10.83 10.85 -3.48
N ARG A 183 -11.28 9.73 -2.95
CA ARG A 183 -12.11 9.72 -1.73
C ARG A 183 -11.30 10.19 -0.52
N VAL A 184 -10.05 9.76 -0.41
CA VAL A 184 -9.19 10.21 0.67
C VAL A 184 -8.89 11.68 0.49
N LEU A 185 -8.60 12.07 -0.73
CA LEU A 185 -8.31 13.48 -0.99
C LEU A 185 -9.51 14.36 -0.62
N MSE A 186 -10.73 13.88 -0.87
CA MSE A 186 -11.95 14.58 -0.47
C MSE A 186 -11.98 14.81 1.04
O MSE A 186 -12.25 15.92 1.49
CB MSE A 186 -13.13 13.71 -0.90
CG MSE A 186 -14.49 14.34 -0.79
SE MSE A 186 -15.92 13.19 -1.55
CE MSE A 186 -15.48 11.60 -0.37
N ILE A 187 -11.67 13.76 1.83
CA ILE A 187 -11.72 13.84 3.30
C ILE A 187 -10.75 14.89 3.78
N PHE A 188 -9.51 14.82 3.31
CA PHE A 188 -8.52 15.81 3.61
C PHE A 188 -8.97 17.21 3.16
N LYS A 189 -9.60 17.35 1.99
CA LYS A 189 -10.03 18.70 1.56
C LYS A 189 -10.95 19.33 2.61
N ALA A 190 -11.73 18.52 3.30
CA ALA A 190 -12.64 19.05 4.31
C ALA A 190 -11.91 19.53 5.57
N TYR A 191 -10.64 19.18 5.74
CA TYR A 191 -9.86 19.65 6.93
C TYR A 191 -8.79 20.69 6.60
N SER A 192 -8.68 21.04 5.34
CA SER A 192 -7.75 22.02 4.88
C SER A 192 -8.05 23.44 5.38
N THR A 193 -7.02 24.26 5.36
CA THR A 193 -7.08 25.67 5.72
C THR A 193 -7.42 26.39 4.42
N PRO A 194 -7.91 27.66 4.47
CA PRO A 194 -8.16 28.47 3.27
C PRO A 194 -6.90 28.65 2.41
N ASP A 195 -5.78 28.96 3.06
CA ASP A 195 -4.50 29.14 2.39
C ASP A 195 -4.09 27.93 1.58
N SER A 196 -4.55 26.75 1.98
CA SER A 196 -4.14 25.51 1.33
C SER A 196 -5.15 24.84 0.39
N LEU A 197 -6.38 25.35 0.31
CA LEU A 197 -7.42 24.81 -0.62
C LEU A 197 -6.94 24.78 -2.07
N ALA A 198 -6.21 25.80 -2.50
CA ALA A 198 -5.72 25.83 -3.87
C ALA A 198 -4.97 24.54 -4.19
N ASN A 199 -4.04 24.14 -3.31
CA ASN A 199 -3.23 22.90 -3.51
C ASN A 199 -4.03 21.59 -3.56
N PHE A 200 -5.12 21.51 -2.79
CA PHE A 200 -5.94 20.30 -2.82
C PHE A 200 -6.68 20.20 -4.15
N ASP A 201 -6.96 21.34 -4.78
CA ASP A 201 -7.63 21.33 -6.10
C ASP A 201 -6.65 20.88 -7.19
N ARG A 202 -5.36 21.17 -7.03
CA ARG A 202 -4.33 20.72 -8.00
C ARG A 202 -4.04 19.20 -7.85
N LEU A 203 -4.13 18.67 -6.63
CA LEU A 203 -3.97 17.24 -6.41
C LEU A 203 -5.13 16.49 -7.04
N GLU A 204 -6.34 16.99 -6.80
CA GLU A 204 -7.57 16.41 -7.37
C GLU A 204 -7.48 16.36 -8.89
N GLN A 205 -7.12 17.46 -9.51
CA GLN A 205 -7.01 17.50 -10.97
CA GLN A 205 -6.99 17.51 -10.98
C GLN A 205 -5.93 16.54 -11.46
N HIS A 206 -4.86 16.37 -10.70
CA HIS A 206 -3.77 15.48 -11.12
C HIS A 206 -4.20 14.05 -11.17
N PHE A 207 -4.93 13.61 -10.16
CA PHE A 207 -5.37 12.22 -10.10
C PHE A 207 -6.58 11.91 -10.97
N ARG A 208 -7.42 12.89 -11.28
CA ARG A 208 -8.54 12.63 -12.21
C ARG A 208 -8.02 12.47 -13.62
N SER A 209 -6.88 13.10 -13.87
CA SER A 209 -6.25 13.11 -15.16
C SER A 209 -5.42 11.85 -15.42
N GLN A 210 -4.89 11.21 -14.37
CA GLN A 210 -4.05 10.01 -14.52
C GLN A 210 -4.83 8.82 -15.14
N SER A 211 -6.05 8.57 -14.61
CA SER A 211 -6.98 7.51 -15.11
C SER A 211 -7.83 7.94 -16.35
O1 UNL B . -1.47 -0.99 4.41
O2 UNL B . -1.93 1.39 4.43
O3 UNL B . -1.23 3.59 5.04
O4 UNL B . -1.90 5.71 5.56
O5 UNL B . -2.11 7.66 6.30
O6 UNL B . -1.41 10.14 6.62
O7 UNL B . -0.65 11.85 4.89
O8 UNL B . -1.36 13.91 3.45
P PO4 C . 20.49 -17.35 -2.08
O1 PO4 C . 20.94 -16.49 -3.26
O2 PO4 C . 19.03 -17.76 -2.25
O3 PO4 C . 21.37 -18.58 -1.98
O4 PO4 C . 20.60 -16.54 -0.81
P PO4 D . -0.06 17.21 -13.91
O1 PO4 D . 0.73 18.32 -14.58
O2 PO4 D . -1.39 16.99 -14.63
O3 PO4 D . 0.69 15.89 -13.92
O4 PO4 D . -0.32 17.66 -12.49
C1 GOL E . 21.62 -19.59 -8.95
O1 GOL E . 21.37 -20.12 -10.23
C2 GOL E . 21.63 -18.10 -9.18
O2 GOL E . 21.95 -17.97 -10.55
C3 GOL E . 22.50 -17.24 -8.24
O3 GOL E . 22.31 -15.84 -8.43
C1 GOL F . 3.47 -1.28 -13.02
O1 GOL F . 3.40 0.14 -13.04
C2 GOL F . 2.32 -1.91 -13.81
O2 GOL F . 1.86 -1.04 -14.85
C3 GOL F . 2.70 -3.28 -14.39
O3 GOL F . 1.75 -4.26 -14.01
C1 GOL G . 0.50 -28.27 -9.53
O1 GOL G . 1.42 -28.68 -8.55
C2 GOL G . 1.29 -28.17 -10.81
O2 GOL G . 2.53 -28.82 -10.56
C3 GOL G . 1.52 -26.73 -11.31
O3 GOL G . 0.36 -25.90 -11.32
C1 GOL H . 4.30 -17.29 -19.21
O1 GOL H . 5.62 -17.56 -19.68
C2 GOL H . 3.75 -18.53 -18.50
O2 GOL H . 2.79 -19.18 -19.31
C3 GOL H . 3.13 -18.21 -17.15
O3 GOL H . 2.26 -17.09 -17.20
C1 GOL I . 24.95 -17.07 -2.97
O1 GOL I . 25.17 -15.82 -3.60
C2 GOL I . 25.00 -18.21 -3.99
O2 GOL I . 24.79 -19.42 -3.29
C3 GOL I . 23.92 -18.04 -5.07
O3 GOL I . 24.00 -19.06 -6.05
C1 GOL J . 6.82 10.59 1.28
O1 GOL J . 6.94 9.58 0.27
C2 GOL J . 8.16 11.08 1.90
O2 GOL J . 9.07 10.06 2.34
C3 GOL J . 7.82 11.93 3.13
O3 GOL J . 8.96 12.31 3.86
#